data_2YOM
#
_entry.id   2YOM
#
_cell.length_a   1.000
_cell.length_b   1.000
_cell.length_c   1.000
_cell.angle_alpha   90.00
_cell.angle_beta   90.00
_cell.angle_gamma   90.00
#
_symmetry.space_group_name_H-M   'P 1'
#
_entity_poly.entity_id   1
_entity_poly.type   'polypeptide(L)'
_entity_poly.pdbx_seq_one_letter_code
;(ACE)SRQVELERELAELRARPKPDERA
;
_entity_poly.pdbx_strand_id   A
#
loop_
_chem_comp.id
_chem_comp.type
_chem_comp.name
_chem_comp.formula
ACE non-polymer 'ACETYL GROUP' 'C2 H4 O'
#
# COMPACT_ATOMS: atom_id res chain seq x y z
C ACE A 1 -3.82 0.30 18.37
O ACE A 1 -3.58 1.48 18.12
CH3 ACE A 1 -3.57 -0.26 19.74
H1 ACE A 1 -4.37 -0.94 20.01
H2 ACE A 1 -3.53 0.55 20.46
H3 ACE A 1 -2.62 -0.79 19.75
N SER A 2 -4.31 -0.56 17.47
CA SER A 2 -4.61 -0.18 16.09
C SER A 2 -3.34 0.28 15.37
N ARG A 3 -2.22 -0.36 15.68
CA ARG A 3 -0.96 -0.06 15.03
C ARG A 3 -0.84 -0.87 13.76
N GLN A 4 -1.55 -1.98 13.73
CA GLN A 4 -1.60 -2.83 12.57
C GLN A 4 -2.16 -2.05 11.39
N VAL A 5 -3.37 -1.53 11.56
CA VAL A 5 -4.03 -0.76 10.51
C VAL A 5 -3.18 0.45 10.11
N GLU A 6 -2.48 1.03 11.07
CA GLU A 6 -1.61 2.17 10.82
C GLU A 6 -0.60 1.88 9.71
N LEU A 7 -0.02 0.69 9.74
CA LEU A 7 0.98 0.34 8.74
C LEU A 7 0.30 -0.27 7.51
N GLU A 8 -0.88 -0.85 7.69
CA GLU A 8 -1.62 -1.44 6.59
C GLU A 8 -2.20 -0.35 5.69
N ARG A 9 -2.72 0.68 6.35
CA ARG A 9 -3.31 1.82 5.64
C ARG A 9 -2.29 2.44 4.71
N GLU A 10 -1.04 2.51 5.14
CA GLU A 10 0.01 3.09 4.33
C GLU A 10 0.46 2.10 3.26
N LEU A 11 0.53 0.82 3.61
CA LEU A 11 0.81 -0.22 2.63
C LEU A 11 -0.13 -0.08 1.43
N ALA A 12 -1.42 -0.01 1.72
CA ALA A 12 -2.44 0.13 0.71
C ALA A 12 -2.30 1.46 -0.04
N GLU A 13 -1.69 2.44 0.60
CA GLU A 13 -1.53 3.76 0.03
C GLU A 13 -0.44 3.73 -1.04
N LEU A 14 0.68 3.06 -0.74
CA LEU A 14 1.76 2.91 -1.72
C LEU A 14 1.30 2.04 -2.86
N ARG A 15 0.54 1.00 -2.52
CA ARG A 15 -0.05 0.11 -3.48
C ARG A 15 -1.01 0.85 -4.40
N ALA A 16 -1.64 1.88 -3.85
CA ALA A 16 -2.52 2.74 -4.62
C ALA A 16 -1.72 3.67 -5.51
N ARG A 17 -0.49 3.92 -5.12
CA ARG A 17 0.40 4.80 -5.86
C ARG A 17 1.16 4.03 -6.92
N PRO A 18 1.78 4.76 -7.84
CA PRO A 18 2.63 4.19 -8.87
C PRO A 18 4.05 4.02 -8.37
N LYS A 19 4.51 2.78 -8.33
CA LYS A 19 5.85 2.48 -7.81
C LYS A 19 6.55 1.49 -8.74
N PRO A 20 7.88 1.51 -8.76
CA PRO A 20 8.67 0.52 -9.49
C PRO A 20 8.87 -0.76 -8.69
N ASP A 21 7.77 -1.29 -8.16
CA ASP A 21 7.79 -2.48 -7.33
C ASP A 21 7.73 -3.74 -8.19
N GLU A 22 8.69 -3.84 -9.12
CA GLU A 22 8.77 -4.97 -10.04
C GLU A 22 7.52 -5.02 -10.92
N ARG A 23 7.46 -4.13 -11.90
CA ARG A 23 6.33 -4.08 -12.80
C ARG A 23 6.59 -4.93 -14.04
N ALA A 24 5.94 -6.07 -14.11
CA ALA A 24 6.06 -6.95 -15.26
C ALA A 24 4.76 -6.93 -16.07
C ACE A 1 -3.68 -2.11 17.82
O ACE A 1 -4.52 -2.77 17.22
CH3 ACE A 1 -3.05 -2.64 19.08
H1 ACE A 1 -2.30 -3.38 18.83
H2 ACE A 1 -3.81 -3.08 19.70
H3 ACE A 1 -2.58 -1.82 19.62
N SER A 2 -3.28 -0.91 17.42
CA SER A 2 -3.83 -0.28 16.23
C SER A 2 -2.72 0.05 15.24
N ARG A 3 -1.47 -0.21 15.61
CA ARG A 3 -0.34 0.10 14.75
C ARG A 3 -0.34 -0.79 13.52
N GLN A 4 -1.08 -1.89 13.61
CA GLN A 4 -1.29 -2.77 12.48
C GLN A 4 -1.98 -2.03 11.34
N VAL A 5 -3.17 -1.49 11.61
CA VAL A 5 -3.91 -0.76 10.59
C VAL A 5 -3.14 0.49 10.16
N GLU A 6 -2.43 1.09 11.10
CA GLU A 6 -1.57 2.24 10.82
C GLU A 6 -0.55 1.93 9.73
N LEU A 7 -0.05 0.69 9.72
CA LEU A 7 0.94 0.31 8.71
C LEU A 7 0.26 -0.28 7.48
N GLU A 8 -0.91 -0.89 7.67
CA GLU A 8 -1.65 -1.47 6.55
C GLU A 8 -2.23 -0.37 5.68
N ARG A 9 -2.74 0.66 6.35
CA ARG A 9 -3.31 1.82 5.66
C ARG A 9 -2.29 2.45 4.71
N GLU A 10 -1.04 2.52 5.15
CA GLU A 10 0.02 3.11 4.33
C GLU A 10 0.44 2.13 3.25
N LEU A 11 0.57 0.85 3.61
CA LEU A 11 0.86 -0.18 2.62
C LEU A 11 -0.12 -0.08 1.46
N ALA A 12 -1.40 -0.07 1.80
CA ALA A 12 -2.47 0.01 0.82
C ALA A 12 -2.41 1.33 0.04
N GLU A 13 -1.82 2.35 0.64
CA GLU A 13 -1.71 3.66 0.03
C GLU A 13 -0.67 3.64 -1.09
N LEU A 14 0.44 2.99 -0.83
CA LEU A 14 1.48 2.83 -1.85
C LEU A 14 1.00 1.90 -2.94
N ARG A 15 0.33 0.83 -2.52
CA ARG A 15 -0.31 -0.11 -3.42
C ARG A 15 -1.38 0.57 -4.27
N ALA A 16 -1.95 1.62 -3.72
CA ALA A 16 -2.97 2.40 -4.42
C ALA A 16 -2.34 3.34 -5.43
N ARG A 17 -1.02 3.51 -5.36
CA ARG A 17 -0.32 4.34 -6.30
C ARG A 17 -0.10 3.58 -7.60
N PRO A 18 0.03 4.30 -8.70
CA PRO A 18 0.21 3.71 -10.01
C PRO A 18 1.66 3.28 -10.22
N LYS A 19 1.86 1.98 -10.38
CA LYS A 19 3.19 1.38 -10.44
C LYS A 19 3.12 0.03 -11.13
N PRO A 20 4.25 -0.46 -11.65
CA PRO A 20 4.35 -1.79 -12.21
C PRO A 20 4.71 -2.80 -11.14
N ASP A 21 4.05 -2.67 -10.01
CA ASP A 21 4.34 -3.48 -8.83
C ASP A 21 3.23 -4.50 -8.61
N GLU A 22 2.99 -5.31 -9.64
CA GLU A 22 1.96 -6.34 -9.60
C GLU A 22 0.58 -5.74 -9.38
N ARG A 23 0.23 -4.76 -10.21
CA ARG A 23 -1.07 -4.15 -10.17
C ARG A 23 -1.69 -4.13 -11.56
N ALA A 24 -2.81 -4.82 -11.71
CA ALA A 24 -3.51 -4.86 -12.97
C ALA A 24 -4.69 -3.90 -12.96
C ACE A 1 -4.14 -2.07 15.79
O ACE A 1 -4.23 -1.97 14.57
CH3 ACE A 1 -4.18 -3.43 16.45
H1 ACE A 1 -3.25 -3.59 16.99
H2 ACE A 1 -4.29 -4.18 15.69
H3 ACE A 1 -5.01 -3.46 17.14
N SER A 2 -4.01 -1.02 16.60
CA SER A 2 -3.97 0.33 16.07
C SER A 2 -2.71 0.56 15.26
N ARG A 3 -1.62 -0.05 15.70
CA ARG A 3 -0.35 0.07 15.00
C ARG A 3 -0.33 -0.87 13.80
N GLN A 4 -1.27 -1.80 13.78
CA GLN A 4 -1.41 -2.74 12.67
C GLN A 4 -2.05 -2.03 11.48
N VAL A 5 -3.24 -1.49 11.70
CA VAL A 5 -3.94 -0.78 10.64
C VAL A 5 -3.14 0.44 10.19
N GLU A 6 -2.41 1.04 11.11
CA GLU A 6 -1.57 2.20 10.84
C GLU A 6 -0.54 1.90 9.75
N LEU A 7 -0.02 0.69 9.73
CA LEU A 7 0.96 0.32 8.71
C LEU A 7 0.26 -0.27 7.49
N GLU A 8 -0.91 -0.85 7.68
CA GLU A 8 -1.68 -1.43 6.59
C GLU A 8 -2.26 -0.35 5.70
N ARG A 9 -2.75 0.69 6.35
CA ARG A 9 -3.32 1.83 5.66
C ARG A 9 -2.31 2.45 4.71
N GLU A 10 -1.06 2.51 5.13
CA GLU A 10 -0.01 3.09 4.33
C GLU A 10 0.45 2.11 3.26
N LEU A 11 0.56 0.83 3.61
CA LEU A 11 0.86 -0.20 2.62
C LEU A 11 -0.08 -0.07 1.43
N ALA A 12 -1.37 -0.05 1.73
CA ALA A 12 -2.40 0.08 0.71
C ALA A 12 -2.28 1.40 -0.04
N GLU A 13 -1.70 2.39 0.61
CA GLU A 13 -1.56 3.71 0.03
C GLU A 13 -0.47 3.71 -1.03
N LEU A 14 0.66 3.07 -0.72
CA LEU A 14 1.76 2.95 -1.68
C LEU A 14 1.31 2.06 -2.84
N ARG A 15 0.56 1.03 -2.49
CA ARG A 15 0.00 0.11 -3.45
C ARG A 15 -0.99 0.80 -4.37
N ALA A 16 -1.58 1.88 -3.89
CA ALA A 16 -2.52 2.67 -4.67
C ALA A 16 -1.80 3.75 -5.48
N ARG A 17 -0.51 3.94 -5.21
CA ARG A 17 0.27 4.93 -5.92
C ARG A 17 0.59 4.43 -7.32
N PRO A 18 0.90 5.36 -8.22
CA PRO A 18 1.21 5.06 -9.61
C PRO A 18 2.65 4.65 -9.80
N LYS A 19 2.85 3.42 -10.26
CA LYS A 19 4.18 2.86 -10.44
C LYS A 19 4.24 2.04 -11.72
N PRO A 20 5.33 2.17 -12.48
CA PRO A 20 5.50 1.47 -13.76
C PRO A 20 5.95 0.02 -13.57
N ASP A 21 5.24 -0.68 -12.71
CA ASP A 21 5.55 -2.08 -12.42
C ASP A 21 4.44 -2.97 -12.92
N GLU A 22 3.55 -2.38 -13.69
CA GLU A 22 2.39 -3.09 -14.22
C GLU A 22 2.81 -4.03 -15.35
N ARG A 23 2.62 -5.32 -15.13
CA ARG A 23 2.98 -6.34 -16.11
C ARG A 23 1.86 -7.35 -16.23
N ALA A 24 2.12 -8.45 -16.93
CA ALA A 24 1.16 -9.52 -17.06
C ALA A 24 1.73 -10.81 -16.49
C ACE A 1 -3.71 0.61 18.21
O ACE A 1 -3.36 1.77 17.92
CH3 ACE A 1 -3.49 0.09 19.60
H1 ACE A 1 -2.50 -0.35 19.66
H2 ACE A 1 -4.23 -0.67 19.81
H3 ACE A 1 -3.58 0.89 20.31
N SER A 2 -4.26 -0.22 17.34
CA SER A 2 -4.55 0.15 15.95
C SER A 2 -3.27 0.55 15.21
N ARG A 3 -2.14 -0.02 15.60
CA ARG A 3 -0.88 0.25 14.96
C ARG A 3 -0.69 -0.67 13.76
N GLN A 4 -1.40 -1.79 13.76
CA GLN A 4 -1.39 -2.69 12.63
C GLN A 4 -2.03 -2.01 11.42
N VAL A 5 -3.28 -1.59 11.57
CA VAL A 5 -3.99 -0.88 10.51
C VAL A 5 -3.22 0.39 10.09
N GLU A 6 -2.54 0.99 11.05
CA GLU A 6 -1.73 2.19 10.81
C GLU A 6 -0.63 1.91 9.77
N LEU A 7 -0.08 0.70 9.78
CA LEU A 7 0.95 0.34 8.81
C LEU A 7 0.31 -0.29 7.57
N GLU A 8 -0.88 -0.84 7.72
CA GLU A 8 -1.58 -1.45 6.60
C GLU A 8 -2.17 -0.37 5.70
N ARG A 9 -2.67 0.67 6.33
CA ARG A 9 -3.26 1.80 5.62
C ARG A 9 -2.23 2.45 4.69
N GLU A 10 -0.98 2.55 5.14
CA GLU A 10 0.07 3.10 4.32
C GLU A 10 0.45 2.13 3.22
N LEU A 11 0.53 0.84 3.55
CA LEU A 11 0.78 -0.20 2.55
C LEU A 11 -0.22 -0.06 1.41
N ALA A 12 -1.50 -0.05 1.75
CA ALA A 12 -2.57 0.05 0.78
C ALA A 12 -2.48 1.35 -0.02
N GLU A 13 -1.88 2.37 0.58
CA GLU A 13 -1.75 3.67 -0.03
C GLU A 13 -0.71 3.63 -1.15
N LEU A 14 0.43 2.99 -0.89
CA LEU A 14 1.49 2.85 -1.89
C LEU A 14 1.02 1.94 -3.01
N ARG A 15 0.30 0.90 -2.61
CA ARG A 15 -0.27 -0.06 -3.53
C ARG A 15 -1.29 0.60 -4.45
N ALA A 16 -1.93 1.63 -3.94
CA ALA A 16 -2.94 2.36 -4.69
C ALA A 16 -2.33 3.43 -5.60
N ARG A 17 -1.05 3.74 -5.37
CA ARG A 17 -0.36 4.73 -6.16
C ARG A 17 -0.21 4.27 -7.60
N PRO A 18 -0.02 5.24 -8.51
CA PRO A 18 0.15 4.97 -9.93
C PRO A 18 1.35 4.06 -10.18
N LYS A 19 1.07 2.89 -10.70
CA LYS A 19 2.06 1.84 -10.91
C LYS A 19 1.55 0.89 -11.98
N PRO A 20 2.47 0.20 -12.69
CA PRO A 20 2.09 -0.78 -13.71
C PRO A 20 1.60 -2.08 -13.08
N ASP A 21 0.64 -1.94 -12.19
CA ASP A 21 0.05 -3.09 -11.48
C ASP A 21 -1.21 -2.66 -10.73
N GLU A 22 -2.32 -2.60 -11.45
CA GLU A 22 -3.58 -2.23 -10.84
C GLU A 22 -4.62 -3.33 -11.08
N ARG A 23 -4.14 -4.45 -11.62
CA ARG A 23 -4.99 -5.59 -12.00
C ARG A 23 -5.84 -5.29 -13.22
N ALA A 24 -6.60 -4.20 -13.13
CA ALA A 24 -7.48 -3.74 -14.20
C ALA A 24 -8.43 -4.85 -14.64
C ACE A 1 -3.92 -3.02 15.76
O ACE A 1 -4.29 -2.86 14.60
CH3 ACE A 1 -3.56 -4.38 16.29
H1 ACE A 1 -2.79 -4.81 15.67
H2 ACE A 1 -4.44 -5.01 16.27
H3 ACE A 1 -3.21 -4.29 17.30
N SER A 2 -3.81 -2.00 16.61
CA SER A 2 -4.11 -0.64 16.24
C SER A 2 -3.00 -0.05 15.38
N ARG A 3 -1.77 -0.41 15.70
CA ARG A 3 -0.61 0.03 14.94
C ARG A 3 -0.52 -0.77 13.64
N GLN A 4 -1.24 -1.89 13.60
CA GLN A 4 -1.25 -2.74 12.41
C GLN A 4 -1.98 -2.03 11.28
N VAL A 5 -3.21 -1.58 11.54
CA VAL A 5 -3.97 -0.85 10.53
C VAL A 5 -3.21 0.42 10.12
N GLU A 6 -2.50 1.00 11.08
CA GLU A 6 -1.66 2.16 10.84
C GLU A 6 -0.62 1.89 9.77
N LEU A 7 -0.04 0.69 9.76
CA LEU A 7 0.96 0.34 8.77
C LEU A 7 0.32 -0.28 7.52
N GLU A 8 -0.88 -0.83 7.68
CA GLU A 8 -1.60 -1.43 6.55
C GLU A 8 -2.17 -0.35 5.67
N ARG A 9 -2.70 0.68 6.32
CA ARG A 9 -3.29 1.81 5.63
C ARG A 9 -2.27 2.46 4.70
N GLU A 10 -1.01 2.54 5.15
CA GLU A 10 0.04 3.10 4.33
C GLU A 10 0.45 2.11 3.25
N LEU A 11 0.53 0.83 3.60
CA LEU A 11 0.80 -0.21 2.60
C LEU A 11 -0.18 -0.09 1.44
N ALA A 12 -1.46 -0.04 1.78
CA ALA A 12 -2.52 0.08 0.79
C ALA A 12 -2.40 1.39 0.00
N GLU A 13 -1.72 2.37 0.59
CA GLU A 13 -1.56 3.66 -0.02
C GLU A 13 -0.50 3.60 -1.13
N LEU A 14 0.62 2.94 -0.84
CA LEU A 14 1.67 2.73 -1.85
C LEU A 14 1.15 1.79 -2.91
N ARG A 15 0.40 0.79 -2.48
CA ARG A 15 -0.23 -0.17 -3.36
C ARG A 15 -1.21 0.52 -4.29
N ALA A 16 -1.88 1.54 -3.76
CA ALA A 16 -2.84 2.31 -4.54
C ALA A 16 -2.16 3.10 -5.65
N ARG A 17 -0.94 3.56 -5.38
CA ARG A 17 -0.16 4.31 -6.35
C ARG A 17 0.11 3.48 -7.60
N PRO A 18 0.28 4.17 -8.72
CA PRO A 18 0.48 3.52 -10.02
C PRO A 18 1.90 2.99 -10.18
N LYS A 19 2.01 1.69 -10.35
CA LYS A 19 3.31 1.03 -10.38
C LYS A 19 3.30 -0.10 -11.40
N PRO A 20 4.48 -0.45 -11.93
CA PRO A 20 4.63 -1.58 -12.85
C PRO A 20 4.53 -2.91 -12.10
N ASP A 21 3.43 -3.08 -11.39
CA ASP A 21 3.19 -4.26 -10.57
C ASP A 21 1.70 -4.49 -10.40
N GLU A 22 1.22 -5.56 -11.01
CA GLU A 22 -0.16 -5.98 -10.83
C GLU A 22 -0.24 -7.07 -9.76
N ARG A 23 0.83 -7.17 -8.96
CA ARG A 23 1.00 -8.19 -7.92
C ARG A 23 0.58 -9.59 -8.41
N ALA A 24 0.87 -9.88 -9.66
CA ALA A 24 0.52 -11.15 -10.25
C ALA A 24 1.79 -11.95 -10.56
C ACE A 1 -3.83 -2.17 16.10
O ACE A 1 -3.96 -2.26 14.87
CH3 ACE A 1 -3.68 -3.42 16.94
H1 ACE A 1 -4.50 -3.48 17.63
H2 ACE A 1 -2.74 -3.36 17.49
H3 ACE A 1 -3.67 -4.28 16.30
N SER A 2 -3.84 -1.02 16.73
CA SER A 2 -3.99 0.24 16.03
C SER A 2 -2.79 0.51 15.13
N ARG A 3 -1.60 0.25 15.64
CA ARG A 3 -0.38 0.44 14.86
C ARG A 3 -0.36 -0.51 13.66
N GLN A 4 -1.14 -1.57 13.73
CA GLN A 4 -1.21 -2.53 12.64
C GLN A 4 -1.95 -1.91 11.45
N VAL A 5 -3.15 -1.41 11.69
CA VAL A 5 -3.91 -0.77 10.62
C VAL A 5 -3.17 0.48 10.13
N GLU A 6 -2.45 1.13 11.04
CA GLU A 6 -1.62 2.28 10.70
C GLU A 6 -0.56 1.92 9.66
N LEU A 7 -0.04 0.72 9.73
CA LEU A 7 0.96 0.29 8.76
C LEU A 7 0.28 -0.32 7.52
N GLU A 8 -0.90 -0.87 7.70
CA GLU A 8 -1.64 -1.46 6.60
C GLU A 8 -2.22 -0.38 5.69
N ARG A 9 -2.73 0.67 6.34
CA ARG A 9 -3.30 1.81 5.64
C ARG A 9 -2.27 2.42 4.69
N GLU A 10 -1.04 2.54 5.16
CA GLU A 10 0.02 3.11 4.35
C GLU A 10 0.45 2.14 3.26
N LEU A 11 0.54 0.85 3.61
CA LEU A 11 0.82 -0.18 2.61
C LEU A 11 -0.13 -0.05 1.44
N ALA A 12 -1.42 -0.06 1.75
CA ALA A 12 -2.47 0.04 0.74
C ALA A 12 -2.38 1.36 -0.04
N GLU A 13 -1.80 2.36 0.60
CA GLU A 13 -1.67 3.67 0.01
C GLU A 13 -0.57 3.68 -1.06
N LEU A 14 0.57 3.07 -0.75
CA LEU A 14 1.65 2.95 -1.72
C LEU A 14 1.23 2.03 -2.85
N ARG A 15 0.51 0.99 -2.47
CA ARG A 15 -0.03 0.05 -3.42
C ARG A 15 -1.01 0.74 -4.36
N ALA A 16 -1.62 1.81 -3.86
CA ALA A 16 -2.59 2.58 -4.62
C ALA A 16 -1.91 3.62 -5.53
N ARG A 17 -0.58 3.69 -5.49
CA ARG A 17 0.17 4.60 -6.35
C ARG A 17 -0.12 4.31 -7.82
N PRO A 18 0.05 5.32 -8.66
CA PRO A 18 -0.23 5.23 -10.09
C PRO A 18 0.87 4.47 -10.82
N LYS A 19 0.50 3.35 -11.41
CA LYS A 19 1.46 2.47 -12.06
C LYS A 19 0.79 1.74 -13.23
N PRO A 20 1.54 1.47 -14.31
CA PRO A 20 1.02 0.77 -15.49
C PRO A 20 0.89 -0.73 -15.26
N ASP A 21 0.25 -1.07 -14.15
CA ASP A 21 0.05 -2.47 -13.73
C ASP A 21 1.39 -3.19 -13.62
N GLU A 22 2.09 -2.96 -12.51
CA GLU A 22 3.38 -3.57 -12.28
C GLU A 22 3.47 -4.08 -10.85
N ARG A 23 3.42 -5.40 -10.71
CA ARG A 23 3.53 -6.02 -9.40
C ARG A 23 4.98 -6.45 -9.16
N ALA A 24 5.86 -5.47 -9.03
CA ALA A 24 7.28 -5.73 -8.86
C ALA A 24 7.79 -5.15 -7.55
C ACE A 1 -4.51 -1.68 15.56
O ACE A 1 -4.56 -1.58 14.33
CH3 ACE A 1 -4.64 -3.03 16.23
H1 ACE A 1 -4.63 -2.89 17.31
H2 ACE A 1 -3.82 -3.66 15.94
H3 ACE A 1 -5.58 -3.49 15.94
N SER A 2 -4.34 -0.64 16.36
CA SER A 2 -4.23 0.71 15.83
C SER A 2 -2.92 0.91 15.10
N ARG A 3 -1.85 0.36 15.64
CA ARG A 3 -0.56 0.41 14.98
C ARG A 3 -0.54 -0.56 13.82
N GLN A 4 -1.42 -1.55 13.88
CA GLN A 4 -1.52 -2.55 12.84
C GLN A 4 -2.11 -1.93 11.59
N VAL A 5 -3.33 -1.40 11.70
CA VAL A 5 -3.98 -0.74 10.58
C VAL A 5 -3.17 0.47 10.12
N GLU A 6 -2.47 1.10 11.05
CA GLU A 6 -1.62 2.25 10.77
C GLU A 6 -0.56 1.92 9.71
N LEU A 7 -0.05 0.70 9.74
CA LEU A 7 0.95 0.29 8.75
C LEU A 7 0.26 -0.30 7.52
N GLU A 8 -0.91 -0.87 7.71
CA GLU A 8 -1.65 -1.47 6.61
C GLU A 8 -2.23 -0.39 5.70
N ARG A 9 -2.69 0.66 6.34
CA ARG A 9 -3.28 1.80 5.63
C ARG A 9 -2.26 2.43 4.69
N GLU A 10 -1.02 2.55 5.16
CA GLU A 10 0.03 3.12 4.35
C GLU A 10 0.44 2.16 3.25
N LEU A 11 0.55 0.87 3.59
CA LEU A 11 0.83 -0.16 2.59
C LEU A 11 -0.15 -0.06 1.43
N ALA A 12 -1.44 -0.11 1.75
CA ALA A 12 -2.50 -0.05 0.75
C ALA A 12 -2.40 1.23 -0.08
N GLU A 13 -1.90 2.29 0.53
CA GLU A 13 -1.79 3.58 -0.10
C GLU A 13 -0.70 3.55 -1.18
N LEU A 14 0.44 2.95 -0.86
CA LEU A 14 1.54 2.83 -1.82
C LEU A 14 1.18 1.83 -2.89
N ARG A 15 0.51 0.76 -2.47
CA ARG A 15 0.06 -0.29 -3.36
C ARG A 15 -0.90 0.24 -4.39
N ALA A 16 -1.67 1.25 -4.01
CA ALA A 16 -2.62 1.89 -4.91
C ALA A 16 -1.90 2.78 -5.92
N ARG A 17 -0.65 3.11 -5.63
CA ARG A 17 0.15 3.91 -6.51
C ARG A 17 0.79 3.05 -7.59
N PRO A 18 1.19 3.67 -8.68
CA PRO A 18 1.82 3.00 -9.81
C PRO A 18 3.32 2.87 -9.62
N LYS A 19 3.80 1.65 -9.58
CA LYS A 19 5.21 1.39 -9.34
C LYS A 19 5.74 0.32 -10.29
N PRO A 20 7.03 0.39 -10.64
CA PRO A 20 7.67 -0.65 -11.45
C PRO A 20 8.07 -1.86 -10.62
N ASP A 21 7.10 -2.38 -9.88
CA ASP A 21 7.30 -3.53 -9.02
C ASP A 21 6.41 -4.68 -9.49
N GLU A 22 6.14 -4.71 -10.79
CA GLU A 22 5.20 -5.67 -11.36
C GLU A 22 5.85 -7.03 -11.55
N ARG A 23 7.11 -7.12 -11.17
CA ARG A 23 7.85 -8.37 -11.23
C ARG A 23 8.47 -8.68 -9.88
N ALA A 24 7.80 -9.54 -9.12
CA ALA A 24 8.21 -9.90 -7.76
C ALA A 24 8.10 -8.69 -6.83
C ACE A 1 -2.95 0.37 18.33
O ACE A 1 -2.49 1.48 18.08
CH3 ACE A 1 -2.71 -0.28 19.66
H1 ACE A 1 -2.10 -1.16 19.53
H2 ACE A 1 -3.66 -0.57 20.08
H3 ACE A 1 -2.22 0.41 20.31
N SER A 2 -3.66 -0.34 17.45
CA SER A 2 -3.98 0.15 16.11
C SER A 2 -2.71 0.42 15.31
N ARG A 3 -1.66 -0.34 15.59
CA ARG A 3 -0.39 -0.19 14.88
C ARG A 3 -0.42 -0.97 13.58
N GLN A 4 -1.16 -2.08 13.58
CA GLN A 4 -1.30 -2.89 12.37
C GLN A 4 -1.99 -2.10 11.28
N VAL A 5 -3.21 -1.63 11.54
CA VAL A 5 -3.96 -0.87 10.57
C VAL A 5 -3.19 0.39 10.15
N GLU A 6 -2.47 0.94 11.09
CA GLU A 6 -1.64 2.13 10.87
C GLU A 6 -0.59 1.87 9.79
N LEU A 7 -0.04 0.67 9.75
CA LEU A 7 0.95 0.34 8.73
C LEU A 7 0.27 -0.24 7.48
N GLU A 8 -0.90 -0.84 7.67
CA GLU A 8 -1.64 -1.42 6.54
C GLU A 8 -2.22 -0.33 5.68
N ARG A 9 -2.72 0.69 6.34
CA ARG A 9 -3.29 1.86 5.68
C ARG A 9 -2.28 2.49 4.72
N GLU A 10 -1.02 2.55 5.15
CA GLU A 10 0.02 3.11 4.31
C GLU A 10 0.42 2.12 3.23
N LEU A 11 0.57 0.85 3.59
CA LEU A 11 0.86 -0.19 2.60
C LEU A 11 -0.15 -0.12 1.45
N ALA A 12 -1.42 -0.16 1.81
CA ALA A 12 -2.51 -0.12 0.84
C ALA A 12 -2.48 1.17 0.02
N GLU A 13 -1.89 2.21 0.59
CA GLU A 13 -1.81 3.50 -0.09
C GLU A 13 -0.81 3.42 -1.24
N LEU A 14 0.33 2.80 -0.98
CA LEU A 14 1.34 2.61 -2.02
C LEU A 14 0.83 1.63 -3.06
N ARG A 15 0.14 0.62 -2.58
CA ARG A 15 -0.46 -0.40 -3.43
C ARG A 15 -1.52 0.20 -4.35
N ALA A 16 -2.19 1.24 -3.86
CA ALA A 16 -3.22 1.92 -4.63
C ALA A 16 -2.61 2.70 -5.78
N ARG A 17 -1.37 3.13 -5.62
CA ARG A 17 -0.68 3.89 -6.65
C ARG A 17 -0.24 2.96 -7.77
N PRO A 18 -0.10 3.52 -8.97
CA PRO A 18 0.23 2.76 -10.17
C PRO A 18 1.72 2.49 -10.25
N LYS A 19 2.09 1.21 -10.22
CA LYS A 19 3.48 0.82 -10.21
C LYS A 19 3.68 -0.43 -11.06
N PRO A 20 4.86 -0.57 -11.68
CA PRO A 20 5.19 -1.71 -12.53
C PRO A 20 5.46 -2.98 -11.73
N ASP A 21 4.52 -3.30 -10.84
CA ASP A 21 4.64 -4.44 -9.95
C ASP A 21 5.82 -4.27 -9.01
N GLU A 22 5.58 -3.58 -7.91
CA GLU A 22 6.61 -3.32 -6.93
C GLU A 22 6.21 -3.89 -5.57
N ARG A 23 6.62 -5.14 -5.32
CA ARG A 23 6.31 -5.79 -4.05
C ARG A 23 7.04 -5.11 -2.91
N ALA A 24 8.35 -5.04 -3.03
CA ALA A 24 9.19 -4.41 -2.03
C ALA A 24 10.58 -4.17 -2.60
C ACE A 1 -4.82 -2.40 15.21
O ACE A 1 -4.86 -2.14 14.01
CH3 ACE A 1 -4.80 -3.82 15.70
H1 ACE A 1 -4.35 -3.86 16.68
H2 ACE A 1 -4.23 -4.42 15.01
H3 ACE A 1 -5.81 -4.20 15.75
N SER A 2 -4.79 -1.45 16.15
CA SER A 2 -4.84 -0.04 15.80
C SER A 2 -3.52 0.44 15.22
N ARG A 3 -2.43 -0.16 15.64
CA ARG A 3 -1.13 0.15 15.07
C ARG A 3 -0.87 -0.76 13.89
N GLN A 4 -1.70 -1.79 13.77
CA GLN A 4 -1.62 -2.72 12.65
C GLN A 4 -2.17 -2.05 11.41
N VAL A 5 -3.43 -1.61 11.49
CA VAL A 5 -4.06 -0.88 10.40
C VAL A 5 -3.26 0.39 10.06
N GLU A 6 -2.58 0.93 11.04
CA GLU A 6 -1.75 2.11 10.87
C GLU A 6 -0.64 1.87 9.82
N LEU A 7 -0.08 0.67 9.81
CA LEU A 7 0.95 0.34 8.83
C LEU A 7 0.34 -0.29 7.58
N GLU A 8 -0.86 -0.82 7.71
CA GLU A 8 -1.55 -1.41 6.55
C GLU A 8 -2.16 -0.32 5.69
N ARG A 9 -2.68 0.70 6.35
CA ARG A 9 -3.27 1.85 5.66
C ARG A 9 -2.26 2.47 4.71
N GLU A 10 -1.00 2.54 5.14
CA GLU A 10 0.06 3.09 4.30
C GLU A 10 0.41 2.12 3.18
N LEU A 11 0.56 0.83 3.52
CA LEU A 11 0.81 -0.20 2.53
C LEU A 11 -0.22 -0.10 1.40
N ALA A 12 -1.48 -0.09 1.78
CA ALA A 12 -2.59 -0.01 0.83
C ALA A 12 -2.61 1.33 0.10
N GLU A 13 -2.04 2.35 0.74
CA GLU A 13 -2.00 3.68 0.17
C GLU A 13 -1.04 3.72 -1.01
N LEU A 14 0.12 3.08 -0.84
CA LEU A 14 1.09 2.97 -1.92
C LEU A 14 0.52 2.13 -3.05
N ARG A 15 -0.20 1.09 -2.66
CA ARG A 15 -0.89 0.23 -3.59
C ARG A 15 -1.98 0.97 -4.34
N ALA A 16 -2.53 1.99 -3.70
CA ALA A 16 -3.57 2.81 -4.29
C ALA A 16 -2.98 3.92 -5.15
N ARG A 17 -1.66 4.09 -5.08
CA ARG A 17 -0.98 5.08 -5.89
C ARG A 17 -0.99 4.67 -7.35
N PRO A 18 -0.83 5.65 -8.23
CA PRO A 18 -0.88 5.44 -9.67
C PRO A 18 0.44 4.91 -10.20
N LYS A 19 0.39 3.70 -10.76
CA LYS A 19 1.58 3.06 -11.31
C LYS A 19 1.22 2.24 -12.54
N PRO A 20 1.97 2.40 -13.64
CA PRO A 20 1.77 1.63 -14.86
C PRO A 20 2.40 0.24 -14.74
N ASP A 21 2.01 -0.46 -13.70
CA ASP A 21 2.59 -1.76 -13.39
C ASP A 21 1.50 -2.80 -13.18
N GLU A 22 1.04 -3.39 -14.27
CA GLU A 22 0.07 -4.46 -14.19
C GLU A 22 0.62 -5.70 -14.89
N ARG A 23 1.36 -6.49 -14.13
CA ARG A 23 1.99 -7.69 -14.66
C ARG A 23 0.95 -8.77 -14.90
N ALA A 24 0.48 -8.87 -16.15
CA ALA A 24 -0.54 -9.84 -16.51
C ALA A 24 -0.37 -10.28 -17.96
C ACE A 1 -4.77 -2.00 17.60
O ACE A 1 -5.74 -2.37 16.94
CH3 ACE A 1 -4.31 -2.77 18.81
H1 ACE A 1 -4.69 -3.79 18.76
H2 ACE A 1 -4.71 -2.30 19.70
H3 ACE A 1 -3.24 -2.79 18.85
N SER A 2 -4.06 -0.93 17.29
CA SER A 2 -4.40 -0.10 16.14
C SER A 2 -3.16 0.23 15.32
N ARG A 3 -2.03 -0.39 15.64
CA ARG A 3 -0.79 -0.10 14.95
C ARG A 3 -0.71 -0.92 13.66
N GLN A 4 -1.41 -2.04 13.65
CA GLN A 4 -1.48 -2.90 12.47
C GLN A 4 -2.11 -2.13 11.32
N VAL A 5 -3.33 -1.63 11.53
CA VAL A 5 -4.02 -0.86 10.51
C VAL A 5 -3.21 0.38 10.12
N GLU A 6 -2.49 0.94 11.09
CA GLU A 6 -1.68 2.12 10.88
C GLU A 6 -0.60 1.88 9.82
N LEU A 7 -0.05 0.67 9.77
CA LEU A 7 0.94 0.34 8.76
C LEU A 7 0.28 -0.26 7.51
N GLU A 8 -0.89 -0.85 7.67
CA GLU A 8 -1.60 -1.43 6.54
C GLU A 8 -2.19 -0.34 5.68
N ARG A 9 -2.70 0.68 6.34
CA ARG A 9 -3.28 1.84 5.67
C ARG A 9 -2.26 2.48 4.71
N GLU A 10 -1.01 2.56 5.14
CA GLU A 10 0.03 3.12 4.29
C GLU A 10 0.43 2.13 3.21
N LEU A 11 0.55 0.85 3.57
CA LEU A 11 0.83 -0.20 2.60
C LEU A 11 -0.17 -0.12 1.45
N ALA A 12 -1.45 -0.12 1.79
CA ALA A 12 -2.53 -0.08 0.80
C ALA A 12 -2.49 1.22 0.00
N GLU A 13 -1.95 2.27 0.60
CA GLU A 13 -1.90 3.57 -0.02
C GLU A 13 -0.85 3.56 -1.14
N LEU A 14 0.30 2.95 -0.88
CA LEU A 14 1.34 2.82 -1.90
C LEU A 14 0.88 1.86 -2.99
N ARG A 15 0.22 0.80 -2.57
CA ARG A 15 -0.29 -0.22 -3.46
C ARG A 15 -1.36 0.36 -4.39
N ALA A 16 -2.13 1.29 -3.87
CA ALA A 16 -3.15 1.97 -4.66
C ALA A 16 -2.51 2.91 -5.68
N ARG A 17 -1.35 3.43 -5.33
CA ARG A 17 -0.61 4.31 -6.22
C ARG A 17 -0.09 3.55 -7.43
N PRO A 18 0.22 4.29 -8.49
CA PRO A 18 0.71 3.73 -9.73
C PRO A 18 2.20 3.44 -9.64
N LYS A 19 2.55 2.17 -9.79
CA LYS A 19 3.93 1.74 -9.66
C LYS A 19 4.29 0.75 -10.74
N PRO A 20 5.49 0.86 -11.33
CA PRO A 20 6.02 -0.11 -12.28
C PRO A 20 6.53 -1.35 -11.55
N ASP A 21 5.71 -1.85 -10.65
CA ASP A 21 6.09 -2.92 -9.75
C ASP A 21 5.15 -4.11 -9.92
N GLU A 22 4.22 -3.96 -10.85
CA GLU A 22 3.22 -4.99 -11.09
C GLU A 22 3.63 -5.88 -12.25
N ARG A 23 4.79 -6.52 -12.10
CA ARG A 23 5.34 -7.34 -13.15
C ARG A 23 4.98 -8.80 -12.96
N ALA A 24 4.26 -9.10 -11.89
CA ALA A 24 3.83 -10.46 -11.60
C ALA A 24 2.34 -10.48 -11.29
#